data_2RFA
#
_entry.id   2RFA
#
_cell.length_a   30.762
_cell.length_b   63.045
_cell.length_c   116.140
_cell.angle_alpha   90.000
_cell.angle_beta   90.000
_cell.angle_gamma   90.000
#
_symmetry.space_group_name_H-M   'P 21 21 21'
#
loop_
_entity.id
_entity.type
_entity.pdbx_description
1 polymer 'Transient receptor potential cation channel subfamily V member 6'
2 water water
#
_entity_poly.entity_id   1
_entity_poly.type   'polypeptide(L)'
_entity_poly.pdbx_seq_one_letter_code
;MIWESPLLLAAKENDVQALSKLLKFEGCEVHQRGAMGETALHIAALYDNLEAAMVLMEAAPELVFEPMTSELYEGQTALH
IAVINQNVNLVRALLARGASVSARATGSVFHYRPHNLIYYGEHPLSFAACVGSEEIVRLLIEHGADIRAQDSLGNTVLHI
LILQPNKTFACQMYNLLLSYDGGDHLKSLELVPNNQGLTPFKLAGVEGNIVMFQHLMQKRKHIAAAHHHHHH
;
_entity_poly.pdbx_strand_id   A
#
# COMPACT_ATOMS: atom_id res chain seq x y z
N ILE A 2 2.02 -23.48 2.69
CA ILE A 2 3.34 -23.17 3.32
C ILE A 2 3.99 -24.46 3.84
N TRP A 3 3.36 -25.11 4.81
CA TRP A 3 3.94 -26.28 5.49
C TRP A 3 4.39 -27.41 4.53
N GLU A 4 3.70 -27.59 3.40
CA GLU A 4 4.08 -28.59 2.41
C GLU A 4 5.13 -28.10 1.40
N SER A 5 5.32 -26.78 1.29
CA SER A 5 6.33 -26.23 0.38
C SER A 5 7.57 -25.73 1.13
N PRO A 6 8.73 -26.34 0.90
CA PRO A 6 9.96 -25.92 1.56
C PRO A 6 10.32 -24.44 1.31
N LEU A 7 10.03 -23.91 0.12
CA LEU A 7 10.40 -22.52 -0.18
C LEU A 7 9.51 -21.54 0.58
N LEU A 8 8.20 -21.79 0.59
CA LEU A 8 7.27 -20.92 1.33
C LEU A 8 7.60 -20.99 2.82
N LEU A 9 7.93 -22.19 3.28
CA LEU A 9 8.21 -22.40 4.70
C LEU A 9 9.49 -21.67 5.08
N ALA A 10 10.51 -21.78 4.23
CA ALA A 10 11.77 -21.13 4.50
C ALA A 10 11.58 -19.61 4.58
N ALA A 11 10.74 -19.08 3.69
CA ALA A 11 10.44 -17.65 3.68
C ALA A 11 9.75 -17.21 5.00
N LYS A 12 8.80 -18.02 5.47
CA LYS A 12 8.10 -17.77 6.72
C LYS A 12 9.06 -17.80 7.91
N GLU A 13 10.02 -18.73 7.88
CA GLU A 13 10.98 -18.94 8.97
C GLU A 13 12.19 -18.02 8.93
N ASN A 14 12.28 -17.18 7.90
CA ASN A 14 13.45 -16.32 7.64
C ASN A 14 14.74 -17.15 7.55
N ASP A 15 14.63 -18.34 6.95
CA ASP A 15 15.74 -19.31 6.89
C ASP A 15 16.54 -19.07 5.61
N VAL A 16 17.51 -18.16 5.71
CA VAL A 16 18.30 -17.78 4.54
C VAL A 16 19.08 -18.94 3.91
N GLN A 17 19.69 -19.81 4.73
CA GLN A 17 20.42 -20.93 4.18
C GLN A 17 19.54 -21.86 3.38
N ALA A 18 18.38 -22.24 3.94
CA ALA A 18 17.45 -23.11 3.23
C ALA A 18 16.97 -22.47 1.93
N LEU A 19 16.61 -21.20 1.97
CA LEU A 19 16.19 -20.50 0.74
C LEU A 19 17.27 -20.55 -0.32
N SER A 20 18.50 -20.25 0.07
CA SER A 20 19.58 -20.19 -0.90
C SER A 20 19.82 -21.53 -1.55
N LYS A 21 19.73 -22.60 -0.77
CA LYS A 21 19.93 -23.95 -1.31
C LYS A 21 18.77 -24.40 -2.22
N LEU A 22 17.55 -23.98 -1.91
CA LEU A 22 16.41 -24.29 -2.75
C LEU A 22 16.48 -23.51 -4.05
N LEU A 23 16.85 -22.24 -3.96
CA LEU A 23 16.86 -21.35 -5.12
C LEU A 23 17.96 -21.67 -6.12
N LYS A 24 19.06 -22.26 -5.65
CA LYS A 24 20.15 -22.65 -6.55
C LYS A 24 19.79 -23.84 -7.44
N PHE A 25 18.72 -24.57 -7.11
CA PHE A 25 18.32 -25.76 -7.87
C PHE A 25 17.78 -25.49 -9.30
N GLU A 26 16.82 -24.57 -9.43
CA GLU A 26 15.76 -24.68 -10.48
C GLU A 26 15.03 -26.02 -10.26
N GLY A 27 14.76 -26.31 -8.99
CA GLY A 27 14.09 -27.54 -8.53
C GLY A 27 12.80 -27.10 -7.87
N CYS A 28 12.92 -26.13 -6.96
N CYS A 28 12.92 -26.13 -6.96
CA CYS A 28 11.75 -25.38 -6.51
CA CYS A 28 11.79 -25.34 -6.53
C CYS A 28 11.34 -24.46 -7.65
C CYS A 28 11.34 -24.50 -7.71
N GLU A 29 10.03 -24.38 -7.89
CA GLU A 29 9.49 -23.44 -8.84
C GLU A 29 9.40 -22.19 -7.96
N VAL A 30 10.17 -21.17 -8.33
CA VAL A 30 10.30 -19.99 -7.52
C VAL A 30 9.01 -19.20 -7.55
N HIS A 31 8.18 -19.43 -8.57
CA HIS A 31 6.88 -18.76 -8.66
C HIS A 31 5.71 -19.56 -8.09
N GLN A 32 5.99 -20.64 -7.34
CA GLN A 32 4.92 -21.46 -6.75
C GLN A 32 4.10 -20.60 -5.79
N ARG A 33 2.83 -20.90 -5.63
CA ARG A 33 1.97 -20.07 -4.79
C ARG A 33 1.22 -20.86 -3.72
N GLY A 34 0.93 -20.19 -2.60
CA GLY A 34 0.04 -20.77 -1.59
C GLY A 34 -1.43 -20.68 -1.97
N ALA A 35 -2.29 -21.06 -1.02
CA ALA A 35 -3.74 -21.04 -1.22
C ALA A 35 -4.35 -19.66 -1.52
N MET A 36 -3.74 -18.58 -1.01
CA MET A 36 -4.21 -17.22 -1.31
C MET A 36 -3.54 -16.62 -2.55
N GLY A 37 -2.82 -17.45 -3.31
CA GLY A 37 -2.14 -16.96 -4.50
C GLY A 37 -0.90 -16.18 -4.15
N GLU A 38 -0.32 -16.47 -3.00
CA GLU A 38 0.83 -15.74 -2.50
C GLU A 38 2.15 -16.46 -2.85
N THR A 39 3.17 -15.66 -3.22
CA THR A 39 4.52 -16.16 -3.49
C THR A 39 5.36 -16.20 -2.22
N ALA A 40 6.54 -16.81 -2.31
CA ALA A 40 7.46 -16.78 -1.19
C ALA A 40 7.81 -15.34 -0.76
N LEU A 41 7.81 -14.43 -1.70
CA LEU A 41 8.15 -13.04 -1.35
C LEU A 41 7.00 -12.35 -0.59
N HIS A 42 5.75 -12.66 -0.96
CA HIS A 42 4.62 -12.18 -0.18
C HIS A 42 4.68 -12.69 1.23
N ILE A 43 5.05 -13.97 1.36
CA ILE A 43 5.20 -14.58 2.68
C ILE A 43 6.33 -13.89 3.47
N ALA A 44 7.50 -13.71 2.88
CA ALA A 44 8.56 -12.96 3.61
C ALA A 44 8.12 -11.57 4.08
N ALA A 45 7.45 -10.84 3.19
CA ALA A 45 6.96 -9.52 3.54
C ALA A 45 5.94 -9.58 4.70
N LEU A 46 5.02 -10.53 4.65
CA LEU A 46 3.96 -10.59 5.64
CA LEU A 46 3.94 -10.64 5.64
C LEU A 46 4.53 -10.86 7.03
N TYR A 47 5.53 -11.71 7.08
CA TYR A 47 6.19 -12.07 8.34
C TYR A 47 7.31 -11.11 8.74
N ASP A 48 7.50 -10.04 7.96
CA ASP A 48 8.47 -8.99 8.24
C ASP A 48 9.87 -9.56 8.30
N ASN A 49 10.13 -10.46 7.37
CA ASN A 49 11.42 -11.14 7.19
C ASN A 49 12.27 -10.52 6.11
N LEU A 50 13.00 -9.48 6.50
CA LEU A 50 13.78 -8.71 5.54
C LEU A 50 14.84 -9.56 4.85
N GLU A 51 15.52 -10.40 5.59
CA GLU A 51 16.64 -11.16 5.00
C GLU A 51 16.14 -12.16 3.96
N ALA A 52 15.06 -12.88 4.29
CA ALA A 52 14.47 -13.77 3.31
C ALA A 52 13.97 -13.03 2.09
N ALA A 53 13.36 -11.87 2.29
CA ALA A 53 12.89 -11.07 1.16
C ALA A 53 14.03 -10.67 0.24
N MET A 54 15.18 -10.27 0.83
CA MET A 54 16.35 -9.91 0.05
CA MET A 54 16.31 -9.85 0.04
C MET A 54 16.91 -11.06 -0.76
N VAL A 55 16.98 -12.23 -0.15
CA VAL A 55 17.47 -13.40 -0.85
C VAL A 55 16.56 -13.71 -2.04
N LEU A 56 15.25 -13.60 -1.82
CA LEU A 56 14.28 -13.92 -2.86
C LEU A 56 14.34 -12.91 -3.98
N MET A 57 14.44 -11.63 -3.62
CA MET A 57 14.49 -10.55 -4.65
C MET A 57 15.75 -10.60 -5.49
N GLU A 58 16.85 -10.96 -4.84
CA GLU A 58 18.12 -11.12 -5.52
C GLU A 58 18.08 -12.28 -6.49
N ALA A 59 17.54 -13.40 -6.05
CA ALA A 59 17.51 -14.62 -6.83
C ALA A 59 16.46 -14.58 -7.93
N ALA A 60 15.34 -13.93 -7.67
CA ALA A 60 14.17 -13.96 -8.52
C ALA A 60 13.47 -12.59 -8.49
N PRO A 61 14.13 -11.59 -9.05
CA PRO A 61 13.59 -10.21 -8.97
C PRO A 61 12.18 -10.05 -9.56
N GLU A 62 11.81 -10.92 -10.52
CA GLU A 62 10.45 -10.91 -11.03
C GLU A 62 9.35 -11.02 -9.96
N LEU A 63 9.66 -11.66 -8.82
CA LEU A 63 8.72 -11.77 -7.70
C LEU A 63 8.26 -10.40 -7.20
N VAL A 64 9.09 -9.38 -7.39
CA VAL A 64 8.74 -8.05 -6.89
C VAL A 64 7.39 -7.58 -7.45
N PHE A 65 7.08 -7.95 -8.71
CA PHE A 65 5.93 -7.43 -9.41
C PHE A 65 4.67 -8.29 -9.30
N GLU A 66 4.76 -9.44 -8.63
CA GLU A 66 3.64 -10.39 -8.66
C GLU A 66 2.56 -9.99 -7.65
N PRO A 67 1.32 -9.97 -8.09
CA PRO A 67 0.22 -9.77 -7.15
C PRO A 67 -0.26 -11.06 -6.53
N MET A 68 -0.89 -10.97 -5.37
CA MET A 68 -1.74 -12.07 -4.87
C MET A 68 -2.94 -12.24 -5.77
N THR A 69 -3.36 -13.48 -6.01
CA THR A 69 -4.34 -13.73 -7.07
C THR A 69 -5.68 -14.22 -6.52
N SER A 70 -5.76 -14.54 -5.23
CA SER A 70 -7.03 -14.88 -4.62
C SER A 70 -8.02 -13.72 -4.69
N GLU A 71 -9.32 -14.04 -4.66
CA GLU A 71 -10.32 -12.98 -4.65
C GLU A 71 -10.19 -12.06 -3.44
N LEU A 72 -9.80 -12.62 -2.29
CA LEU A 72 -9.68 -11.83 -1.06
C LEU A 72 -8.58 -10.78 -1.14
N TYR A 73 -7.44 -11.17 -1.72
CA TYR A 73 -6.23 -10.34 -1.74
C TYR A 73 -5.80 -9.87 -3.11
N GLU A 74 -6.70 -9.97 -4.10
CA GLU A 74 -6.35 -9.71 -5.46
C GLU A 74 -5.58 -8.38 -5.60
N GLY A 75 -4.43 -8.46 -6.25
CA GLY A 75 -3.66 -7.27 -6.58
C GLY A 75 -2.62 -6.89 -5.56
N GLN A 76 -2.70 -7.44 -4.36
CA GLN A 76 -1.78 -7.05 -3.28
C GLN A 76 -0.35 -7.47 -3.66
N THR A 77 0.59 -6.51 -3.60
CA THR A 77 1.97 -6.76 -3.91
C THR A 77 2.81 -6.78 -2.61
N ALA A 78 4.05 -7.24 -2.72
CA ALA A 78 4.95 -7.27 -1.53
C ALA A 78 5.09 -5.84 -1.02
N LEU A 79 5.11 -4.85 -1.91
CA LEU A 79 5.19 -3.45 -1.46
C LEU A 79 4.01 -3.01 -0.61
N HIS A 80 2.78 -3.33 -1.01
CA HIS A 80 1.61 -3.06 -0.17
C HIS A 80 1.83 -3.66 1.24
N ILE A 81 2.28 -4.93 1.30
CA ILE A 81 2.45 -5.62 2.60
C ILE A 81 3.49 -4.91 3.46
N ALA A 82 4.59 -4.56 2.83
CA ALA A 82 5.70 -3.90 3.52
C ALA A 82 5.27 -2.52 4.05
N VAL A 83 4.43 -1.84 3.30
CA VAL A 83 3.84 -0.58 3.73
C VAL A 83 2.94 -0.76 4.97
N ILE A 84 2.06 -1.76 4.94
CA ILE A 84 1.18 -2.05 6.09
C ILE A 84 1.99 -2.36 7.36
N ASN A 85 3.07 -3.14 7.22
CA ASN A 85 3.97 -3.43 8.33
C ASN A 85 4.89 -2.31 8.70
N GLN A 86 4.86 -1.21 7.95
CA GLN A 86 5.76 -0.07 8.17
C GLN A 86 7.25 -0.49 8.22
N ASN A 87 7.62 -1.43 7.34
CA ASN A 87 8.98 -1.88 7.21
C ASN A 87 9.70 -1.00 6.21
N VAL A 88 10.33 0.05 6.73
CA VAL A 88 10.94 1.07 5.88
C VAL A 88 12.05 0.47 5.04
N ASN A 89 12.88 -0.34 5.67
CA ASN A 89 13.98 -1.00 4.92
C ASN A 89 13.47 -1.87 3.76
N LEU A 90 12.39 -2.61 4.00
CA LEU A 90 11.81 -3.47 2.96
C LEU A 90 11.16 -2.68 1.86
N VAL A 91 10.44 -1.63 2.23
CA VAL A 91 9.88 -0.67 1.25
C VAL A 91 10.98 -0.08 0.34
N ARG A 92 12.06 0.35 0.94
CA ARG A 92 13.16 0.95 0.17
C ARG A 92 13.77 -0.06 -0.79
N ALA A 93 13.98 -1.28 -0.27
CA ALA A 93 14.54 -2.38 -1.08
C ALA A 93 13.68 -2.70 -2.30
N LEU A 94 12.38 -2.82 -2.09
CA LEU A 94 11.45 -3.14 -3.18
C LEU A 94 11.43 -2.00 -4.18
N LEU A 95 11.36 -0.77 -3.67
CA LEU A 95 11.29 0.37 -4.57
C LEU A 95 12.56 0.46 -5.40
N ALA A 96 13.71 0.20 -4.78
CA ALA A 96 15.00 0.28 -5.48
C ALA A 96 15.08 -0.73 -6.63
N ARG A 97 14.31 -1.79 -6.52
CA ARG A 97 14.27 -2.84 -7.53
C ARG A 97 13.19 -2.63 -8.57
N GLY A 98 12.49 -1.50 -8.50
CA GLY A 98 11.47 -1.14 -9.48
C GLY A 98 10.02 -1.50 -9.13
N ALA A 99 9.74 -1.92 -7.89
CA ALA A 99 8.35 -2.25 -7.45
C ALA A 99 7.40 -1.14 -7.85
N SER A 100 6.25 -1.51 -8.38
CA SER A 100 5.29 -0.53 -8.91
C SER A 100 4.58 0.23 -7.79
N VAL A 101 4.68 1.55 -7.84
CA VAL A 101 3.89 2.37 -6.97
C VAL A 101 2.44 2.59 -7.43
N SER A 102 2.11 2.06 -8.60
CA SER A 102 0.79 2.18 -9.19
CA SER A 102 0.76 2.21 -9.13
C SER A 102 -0.08 0.95 -9.00
N ALA A 103 0.48 -0.11 -8.42
CA ALA A 103 -0.23 -1.38 -8.28
C ALA A 103 -1.45 -1.19 -7.42
N ARG A 104 -2.56 -1.79 -7.80
CA ARG A 104 -3.81 -1.62 -7.10
C ARG A 104 -4.25 -2.92 -6.43
N ALA A 105 -4.47 -2.84 -5.12
CA ALA A 105 -5.01 -3.91 -4.31
C ALA A 105 -6.52 -3.84 -4.36
N THR A 106 -7.12 -4.72 -5.17
CA THR A 106 -8.54 -4.64 -5.44
C THR A 106 -9.34 -5.80 -4.86
N GLY A 107 -8.67 -6.68 -4.11
CA GLY A 107 -9.31 -7.84 -3.51
C GLY A 107 -10.36 -7.48 -2.48
N SER A 108 -11.23 -8.43 -2.14
CA SER A 108 -12.41 -8.10 -1.35
C SER A 108 -12.08 -7.57 0.04
N VAL A 109 -10.96 -8.01 0.61
CA VAL A 109 -10.58 -7.55 1.94
CA VAL A 109 -10.53 -7.54 1.93
C VAL A 109 -10.23 -6.05 1.94
N PHE A 110 -9.95 -5.50 0.76
CA PHE A 110 -9.61 -4.09 0.65
C PHE A 110 -10.81 -3.18 0.41
N HIS A 111 -11.98 -3.77 0.15
CA HIS A 111 -13.12 -2.97 -0.28
C HIS A 111 -13.68 -2.10 0.83
N TYR A 112 -14.25 -0.94 0.46
CA TYR A 112 -14.95 -0.09 1.41
C TYR A 112 -16.30 -0.75 1.70
N ARG A 113 -16.37 -1.43 2.85
CA ARG A 113 -17.53 -2.26 3.22
C ARG A 113 -17.75 -2.26 4.73
N PRO A 114 -19.02 -2.29 5.17
CA PRO A 114 -19.26 -2.37 6.62
C PRO A 114 -18.53 -3.54 7.29
N HIS A 115 -18.49 -4.70 6.63
CA HIS A 115 -17.89 -5.92 7.19
C HIS A 115 -16.36 -5.86 7.30
N ASN A 116 -15.70 -5.09 6.43
CA ASN A 116 -14.24 -4.98 6.43
C ASN A 116 -13.74 -4.06 7.55
N LEU A 117 -12.57 -4.38 8.11
CA LEU A 117 -12.04 -3.65 9.25
C LEU A 117 -11.39 -2.35 8.81
N ILE A 118 -10.65 -2.40 7.71
CA ILE A 118 -9.99 -1.23 7.18
C ILE A 118 -10.57 -0.82 5.85
N TYR A 119 -10.37 0.45 5.53
CA TYR A 119 -10.41 0.83 4.12
C TYR A 119 -9.27 1.79 3.87
N TYR A 120 -8.27 1.31 3.13
CA TYR A 120 -7.09 2.09 2.86
C TYR A 120 -6.92 2.47 1.40
N GLY A 121 -7.98 2.30 0.63
CA GLY A 121 -7.89 2.45 -0.80
C GLY A 121 -7.18 1.26 -1.42
N GLU A 122 -6.54 1.51 -2.56
CA GLU A 122 -5.94 0.48 -3.40
C GLU A 122 -4.45 0.62 -3.62
N HIS A 123 -3.93 1.83 -3.52
CA HIS A 123 -2.55 2.12 -3.94
C HIS A 123 -1.61 2.14 -2.75
N PRO A 124 -0.33 1.79 -2.98
CA PRO A 124 0.64 1.87 -1.88
C PRO A 124 0.67 3.23 -1.13
N LEU A 125 0.57 4.36 -1.84
CA LEU A 125 0.57 5.67 -1.19
C LEU A 125 -0.62 5.82 -0.22
N SER A 126 -1.77 5.35 -0.65
CA SER A 126 -2.99 5.40 0.18
C SER A 126 -2.79 4.53 1.41
N PHE A 127 -2.24 3.33 1.24
CA PHE A 127 -1.87 2.50 2.43
C PHE A 127 -0.93 3.23 3.40
N ALA A 128 0.10 3.86 2.86
CA ALA A 128 1.13 4.55 3.65
C ALA A 128 0.51 5.70 4.43
N ALA A 129 -0.36 6.48 3.78
CA ALA A 129 -1.02 7.61 4.45
C ALA A 129 -1.89 7.12 5.61
N CYS A 130 -2.56 5.97 5.40
CA CYS A 130 -3.46 5.42 6.40
C CYS A 130 -2.75 4.83 7.60
N VAL A 131 -1.62 4.22 7.40
CA VAL A 131 -0.90 3.66 8.56
C VAL A 131 -0.07 4.75 9.27
N GLY A 132 0.05 5.92 8.66
CA GLY A 132 0.66 7.13 9.28
C GLY A 132 2.17 7.26 9.13
N SER A 133 2.78 6.58 8.17
CA SER A 133 4.24 6.66 7.96
C SER A 133 4.67 7.81 7.03
N GLU A 134 5.08 8.95 7.60
CA GLU A 134 5.61 10.05 6.76
C GLU A 134 6.82 9.64 5.92
N GLU A 135 7.74 8.88 6.50
CA GLU A 135 8.92 8.42 5.78
C GLU A 135 8.57 7.55 4.56
N ILE A 136 7.61 6.65 4.74
CA ILE A 136 7.21 5.78 3.63
C ILE A 136 6.45 6.58 2.59
N VAL A 137 5.58 7.49 3.03
CA VAL A 137 4.90 8.41 2.09
C VAL A 137 5.91 9.16 1.21
N ARG A 138 6.94 9.70 1.83
CA ARG A 138 7.97 10.43 1.09
C ARG A 138 8.75 9.57 0.12
N LEU A 139 9.16 8.38 0.57
CA LEU A 139 9.82 7.38 -0.28
C LEU A 139 8.97 7.06 -1.49
N LEU A 140 7.68 6.81 -1.29
CA LEU A 140 6.79 6.47 -2.43
C LEU A 140 6.68 7.63 -3.46
N ILE A 141 6.48 8.84 -2.94
CA ILE A 141 6.39 10.01 -3.83
C ILE A 141 7.70 10.22 -4.62
N GLU A 142 8.84 10.02 -3.96
CA GLU A 142 10.16 10.12 -4.60
C GLU A 142 10.33 9.08 -5.72
N HIS A 143 9.61 7.96 -5.61
CA HIS A 143 9.59 6.95 -6.66
C HIS A 143 8.40 7.03 -7.60
N GLY A 144 7.78 8.21 -7.64
CA GLY A 144 6.79 8.54 -8.66
C GLY A 144 5.33 8.27 -8.32
N ALA A 145 5.00 8.00 -7.06
CA ALA A 145 3.60 7.72 -6.69
C ALA A 145 2.75 8.95 -6.96
N ASP A 146 1.60 8.73 -7.58
CA ASP A 146 0.72 9.83 -8.01
C ASP A 146 -0.24 10.15 -6.87
N ILE A 147 -0.07 11.32 -6.26
CA ILE A 147 -0.94 11.74 -5.17
CA ILE A 147 -0.96 11.75 -5.16
C ILE A 147 -2.40 11.88 -5.63
N ARG A 148 -2.61 12.07 -6.92
CA ARG A 148 -3.97 12.26 -7.44
C ARG A 148 -4.67 10.94 -7.81
N ALA A 149 -4.03 9.80 -7.56
CA ALA A 149 -4.60 8.51 -7.98
C ALA A 149 -5.92 8.25 -7.29
N GLN A 150 -6.90 7.80 -8.07
CA GLN A 150 -8.21 7.46 -7.52
C GLN A 150 -8.46 5.96 -7.52
N ASP A 151 -9.20 5.50 -6.50
CA ASP A 151 -9.59 4.10 -6.42
C ASP A 151 -10.87 3.90 -7.20
N SER A 152 -11.44 2.70 -7.04
CA SER A 152 -12.59 2.28 -7.83
C SER A 152 -13.83 3.11 -7.49
N LEU A 153 -13.81 3.76 -6.31
CA LEU A 153 -14.91 4.64 -5.86
C LEU A 153 -14.65 6.13 -6.19
N GLY A 154 -13.54 6.40 -6.87
CA GLY A 154 -13.21 7.77 -7.23
C GLY A 154 -12.55 8.48 -6.09
N ASN A 155 -12.24 7.75 -5.02
CA ASN A 155 -11.60 8.36 -3.86
C ASN A 155 -10.13 8.60 -4.07
N THR A 156 -9.67 9.82 -3.78
CA THR A 156 -8.26 10.11 -3.74
C THR A 156 -7.79 9.79 -2.32
N VAL A 157 -6.48 9.83 -2.13
CA VAL A 157 -5.94 9.68 -0.78
C VAL A 157 -6.55 10.65 0.24
N LEU A 158 -6.90 11.88 -0.22
CA LEU A 158 -7.54 12.85 0.63
C LEU A 158 -8.89 12.32 1.16
N HIS A 159 -9.76 11.82 0.27
CA HIS A 159 -10.99 11.18 0.75
C HIS A 159 -10.72 10.04 1.72
N ILE A 160 -9.75 9.18 1.39
CA ILE A 160 -9.51 8.01 2.18
C ILE A 160 -9.07 8.38 3.60
N LEU A 161 -8.29 9.45 3.71
CA LEU A 161 -7.92 9.96 5.03
C LEU A 161 -9.12 10.43 5.85
N ILE A 162 -10.14 11.01 5.19
CA ILE A 162 -11.36 11.44 5.89
C ILE A 162 -12.05 10.25 6.54
N LEU A 163 -11.92 9.08 5.96
CA LEU A 163 -12.59 7.89 6.42
C LEU A 163 -11.86 7.13 7.52
N GLN A 164 -10.71 7.63 7.98
CA GLN A 164 -9.88 6.94 8.99
C GLN A 164 -10.19 7.37 10.42
N PRO A 165 -10.10 6.44 11.38
CA PRO A 165 -10.36 6.71 12.82
C PRO A 165 -9.40 7.65 13.57
N ASN A 166 -8.13 7.71 13.19
CA ASN A 166 -7.15 8.50 13.94
C ASN A 166 -6.99 9.89 13.34
N LYS A 167 -7.88 10.79 13.76
CA LYS A 167 -8.05 12.11 13.12
C LYS A 167 -6.82 13.05 13.26
N THR A 168 -6.10 12.93 14.38
CA THR A 168 -4.94 13.78 14.62
C THR A 168 -3.81 13.58 13.61
N PHE A 169 -3.30 12.35 13.44
CA PHE A 169 -2.28 12.16 12.39
C PHE A 169 -2.88 12.33 10.99
N ALA A 170 -4.16 11.99 10.79
CA ALA A 170 -4.79 12.10 9.47
C ALA A 170 -4.72 13.51 8.96
N CYS A 171 -4.92 14.48 9.86
CA CYS A 171 -4.78 15.88 9.50
C CYS A 171 -3.37 16.26 9.08
N GLN A 172 -2.37 15.84 9.85
CA GLN A 172 -0.98 16.11 9.45
C GLN A 172 -0.60 15.47 8.13
N MET A 173 -1.15 14.27 7.89
CA MET A 173 -0.86 13.54 6.69
C MET A 173 -1.52 14.22 5.49
N TYR A 174 -2.73 14.73 5.71
CA TYR A 174 -3.50 15.43 4.65
C TYR A 174 -2.63 16.60 4.18
N ASN A 175 -2.09 17.35 5.12
CA ASN A 175 -1.29 18.52 4.79
C ASN A 175 0.03 18.11 4.16
N LEU A 176 0.63 17.05 4.67
CA LEU A 176 1.86 16.53 4.06
C LEU A 176 1.60 16.23 2.60
N LEU A 177 0.50 15.55 2.31
CA LEU A 177 0.23 15.18 0.94
C LEU A 177 0.02 16.41 0.06
N LEU A 178 -0.67 17.41 0.61
CA LEU A 178 -0.94 18.63 -0.16
C LEU A 178 0.31 19.48 -0.40
N SER A 179 1.34 19.30 0.43
CA SER A 179 2.58 20.05 0.27
C SER A 179 3.31 19.61 -1.02
N TYR A 180 2.95 18.45 -1.54
CA TYR A 180 3.46 17.98 -2.83
C TYR A 180 2.55 18.37 -3.99
N ASP A 181 1.34 18.84 -3.69
CA ASP A 181 0.40 19.30 -4.71
C ASP A 181 0.86 20.69 -5.17
N GLY A 182 1.08 21.58 -4.20
CA GLY A 182 1.72 22.88 -4.44
C GLY A 182 0.97 23.78 -5.41
N GLY A 183 1.71 24.62 -6.12
CA GLY A 183 1.12 25.58 -7.06
C GLY A 183 1.01 25.07 -8.48
N ASP A 184 0.25 23.98 -8.67
CA ASP A 184 0.00 23.41 -10.00
C ASP A 184 -0.97 24.29 -10.80
N HIS A 185 -0.81 24.31 -12.12
CA HIS A 185 -1.57 25.21 -12.99
C HIS A 185 -3.01 24.77 -13.28
N LEU A 186 -3.48 23.71 -12.62
CA LEU A 186 -4.91 23.40 -12.58
C LEU A 186 -5.33 22.72 -11.27
N LYS A 187 -6.55 22.20 -11.25
CA LYS A 187 -7.34 22.14 -10.03
C LYS A 187 -6.60 21.51 -8.87
N SER A 188 -6.68 22.17 -7.72
CA SER A 188 -6.24 21.56 -6.49
C SER A 188 -6.84 20.15 -6.39
N LEU A 189 -6.04 19.24 -5.85
CA LEU A 189 -6.53 17.90 -5.54
C LEU A 189 -7.75 17.95 -4.59
N GLU A 190 -7.83 19.01 -3.79
CA GLU A 190 -8.94 19.18 -2.86
C GLU A 190 -10.28 19.38 -3.55
N LEU A 191 -10.24 19.71 -4.85
CA LEU A 191 -11.45 19.98 -5.62
C LEU A 191 -11.90 18.79 -6.43
N VAL A 192 -11.12 17.71 -6.41
CA VAL A 192 -11.47 16.49 -7.11
C VAL A 192 -12.51 15.68 -6.33
N PRO A 193 -13.70 15.44 -6.94
CA PRO A 193 -14.72 14.66 -6.27
C PRO A 193 -14.57 13.18 -6.49
N ASN A 194 -15.21 12.42 -5.62
CA ASN A 194 -15.31 10.98 -5.81
C ASN A 194 -16.56 10.65 -6.64
N ASN A 195 -16.83 9.36 -6.80
CA ASN A 195 -17.95 8.90 -7.65
C ASN A 195 -19.33 9.28 -7.07
N GLN A 196 -19.37 9.57 -5.79
CA GLN A 196 -20.56 10.09 -5.12
C GLN A 196 -20.72 11.61 -5.37
N GLY A 197 -19.77 12.24 -6.07
CA GLY A 197 -19.75 13.70 -6.24
C GLY A 197 -19.36 14.53 -5.01
N LEU A 198 -18.57 13.95 -4.11
CA LEU A 198 -18.20 14.65 -2.89
C LEU A 198 -16.72 14.96 -2.96
N THR A 199 -16.34 16.19 -2.64
CA THR A 199 -14.93 16.52 -2.41
C THR A 199 -14.59 16.10 -0.99
N PRO A 200 -13.31 16.06 -0.66
CA PRO A 200 -12.94 15.68 0.70
C PRO A 200 -13.64 16.53 1.80
N PHE A 201 -13.70 17.84 1.60
CA PHE A 201 -14.40 18.75 2.54
C PHE A 201 -15.85 18.32 2.75
N LYS A 202 -16.56 18.08 1.65
CA LYS A 202 -17.96 17.70 1.76
C LYS A 202 -18.11 16.33 2.36
N LEU A 203 -17.18 15.44 2.03
CA LEU A 203 -17.20 14.08 2.58
C LEU A 203 -17.00 14.12 4.11
N ALA A 204 -16.10 14.97 4.53
CA ALA A 204 -15.89 15.15 5.97
C ALA A 204 -17.17 15.55 6.67
N GLY A 205 -17.93 16.46 6.06
CA GLY A 205 -19.20 16.86 6.58
C GLY A 205 -20.20 15.74 6.59
N VAL A 206 -20.36 15.06 5.46
CA VAL A 206 -21.27 13.93 5.40
C VAL A 206 -20.99 12.83 6.43
N GLU A 207 -19.71 12.52 6.64
CA GLU A 207 -19.30 11.44 7.54
C GLU A 207 -19.23 11.86 9.00
N GLY A 208 -19.44 13.13 9.30
CA GLY A 208 -19.32 13.57 10.68
C GLY A 208 -17.89 13.53 11.22
N ASN A 209 -16.92 13.74 10.35
CA ASN A 209 -15.52 13.87 10.75
C ASN A 209 -15.24 15.33 11.17
N ILE A 210 -15.51 15.61 12.45
CA ILE A 210 -15.53 16.95 13.00
C ILE A 210 -14.18 17.65 12.86
N VAL A 211 -13.11 16.89 13.06
CA VAL A 211 -11.74 17.43 12.96
C VAL A 211 -11.46 17.89 11.53
N MET A 212 -11.70 17.00 10.57
CA MET A 212 -11.36 17.33 9.21
C MET A 212 -12.37 18.34 8.59
N PHE A 213 -13.63 18.32 9.02
CA PHE A 213 -14.61 19.26 8.50
C PHE A 213 -14.24 20.71 8.90
N GLN A 214 -13.86 20.89 10.15
CA GLN A 214 -13.40 22.19 10.59
C GLN A 214 -12.11 22.65 9.94
N HIS A 215 -11.13 21.75 9.86
CA HIS A 215 -9.83 22.01 9.24
C HIS A 215 -10.04 22.50 7.82
N LEU A 216 -10.84 21.76 7.08
CA LEU A 216 -11.01 22.05 5.67
C LEU A 216 -11.90 23.27 5.42
N MET A 217 -12.88 23.50 6.29
CA MET A 217 -13.74 24.67 6.18
C MET A 217 -12.91 25.95 6.33
N GLN A 218 -12.11 26.03 7.39
CA GLN A 218 -11.28 27.21 7.64
C GLN A 218 -10.23 27.39 6.55
N LYS A 219 -9.78 26.27 5.98
CA LYS A 219 -8.83 26.24 4.88
C LYS A 219 -9.35 27.07 3.71
N ARG A 220 -10.54 26.70 3.22
CA ARG A 220 -11.14 27.38 2.06
C ARG A 220 -11.35 28.88 2.29
N LYS A 221 -11.74 29.27 3.51
CA LYS A 221 -11.91 30.67 3.87
C LYS A 221 -10.60 31.44 3.80
N HIS A 222 -9.51 30.78 4.20
CA HIS A 222 -8.16 31.34 4.04
C HIS A 222 -7.73 31.35 2.56
N ILE A 223 -8.16 30.36 1.80
CA ILE A 223 -7.94 30.32 0.36
C ILE A 223 -9.09 31.03 -0.36
#